data_2ZZJ
#
_entry.id   2ZZJ
#
_cell.length_a   36.287
_cell.length_b   62.301
_cell.length_c   129.121
_cell.angle_alpha   90.00
_cell.angle_beta   90.00
_cell.angle_gamma   90.00
#
_symmetry.space_group_name_H-M   'P 21 21 21'
#
loop_
_entity.id
_entity.type
_entity.pdbx_description
1 polymer 'Glucuronan lyase A'
2 non-polymer 'CALCIUM ION'
3 non-polymer 'CITRIC ACID'
4 water water
#
_entity_poly.entity_id   1
_entity_poly.type   'polypeptide(L)'
_entity_poly.pdbx_seq_one_letter_code
;TRSFYNDGHLNGWDYVRKENQGTVSEVSNVVFKGTSALKMTQTYTPGYTGRYHSEVDHNRGYQRGEEQFYGFAFRLSEDW
QFQPQSYNIAQFIANRPGAGCGGDDWMPSTMIWIQNNQLYSRYVNGHYRQPNCGRNIVTRPNLATVSAGAWHRVVLQIKW
ASDNTGYFKIWFDGAKVHEEYNVATTVDDDSVFQFRVGLYANSWHDDGHMTGTQGFRQVWYDEVAVGTTFADVDPDQA
;
_entity_poly.pdbx_strand_id   A
#
# COMPACT_ATOMS: atom_id res chain seq x y z
N THR A 1 13.21 12.11 12.10
CA THR A 1 14.27 11.86 11.07
C THR A 1 13.82 10.77 10.11
N ARG A 2 14.22 10.89 8.85
CA ARG A 2 13.77 9.98 7.80
C ARG A 2 14.67 8.74 7.81
N SER A 3 14.09 7.55 7.76
CA SER A 3 14.90 6.35 7.55
C SER A 3 14.92 5.94 6.09
N PHE A 4 13.96 6.45 5.30
CA PHE A 4 13.92 6.12 3.88
C PHE A 4 13.35 7.31 3.12
N TYR A 5 13.90 7.60 1.95
CA TYR A 5 13.34 8.63 1.07
C TYR A 5 13.56 8.21 -0.36
N ASN A 6 12.52 8.28 -1.16
CA ASN A 6 12.69 8.04 -2.61
C ASN A 6 11.98 9.10 -3.42
N ASP A 7 12.73 9.77 -4.30
CA ASP A 7 12.17 10.88 -5.08
C ASP A 7 11.60 10.45 -6.44
N GLY A 8 11.17 9.21 -6.56
CA GLY A 8 10.54 8.76 -7.82
C GLY A 8 11.59 8.21 -8.79
N HIS A 9 12.46 7.34 -8.27
CA HIS A 9 13.50 6.66 -9.04
C HIS A 9 13.59 5.18 -8.66
N LEU A 10 14.07 4.36 -9.58
CA LEU A 10 14.27 2.98 -9.31
C LEU A 10 15.32 2.80 -8.22
N ASN A 11 16.33 3.67 -8.22
CA ASN A 11 17.40 3.50 -7.23
C ASN A 11 16.88 3.60 -5.80
N GLY A 12 17.22 2.63 -4.96
CA GLY A 12 16.98 2.74 -3.53
C GLY A 12 15.93 1.78 -3.06
N TRP A 13 15.14 1.24 -3.98
CA TRP A 13 14.18 0.18 -3.65
C TRP A 13 14.94 -1.12 -3.68
N ASP A 14 14.62 -2.00 -2.73
CA ASP A 14 15.25 -3.32 -2.60
C ASP A 14 14.88 -4.26 -3.72
N TYR A 15 13.65 -4.15 -4.21
CA TYR A 15 13.14 -5.09 -5.19
C TYR A 15 12.05 -4.41 -6.02
N VAL A 16 12.01 -4.77 -7.30
CA VAL A 16 11.01 -4.29 -8.28
C VAL A 16 10.26 -5.50 -8.82
N ARG A 17 8.95 -5.55 -8.57
CA ARG A 17 8.12 -6.72 -8.94
C ARG A 17 7.23 -6.29 -10.09
N LYS A 18 7.38 -6.96 -11.25
CA LYS A 18 6.58 -6.67 -12.44
C LYS A 18 5.98 -7.97 -12.91
N GLU A 19 4.93 -8.43 -12.24
CA GLU A 19 4.32 -9.73 -12.47
C GLU A 19 3.58 -9.77 -13.82
N ASN A 20 3.74 -10.87 -14.55
CA ASN A 20 3.00 -11.08 -15.81
C ASN A 20 3.35 -10.00 -16.85
N GLN A 21 2.38 -9.24 -17.33
CA GLN A 21 2.67 -8.16 -18.27
C GLN A 21 2.88 -6.79 -17.59
N GLY A 22 2.99 -6.78 -16.27
CA GLY A 22 3.17 -5.51 -15.53
C GLY A 22 4.46 -4.78 -15.89
N THR A 23 4.45 -3.45 -15.74
CA THR A 23 5.67 -2.63 -15.91
C THR A 23 5.85 -1.75 -14.68
N VAL A 24 7.09 -1.36 -14.43
CA VAL A 24 7.45 -0.33 -13.44
C VAL A 24 8.60 0.42 -14.10
N SER A 25 8.41 1.70 -14.36
CA SER A 25 9.44 2.46 -15.04
C SER A 25 9.56 3.87 -14.50
N GLU A 26 10.68 4.53 -14.78
CA GLU A 26 10.82 5.96 -14.46
C GLU A 26 10.35 6.81 -15.60
N VAL A 27 9.60 7.87 -15.27
CA VAL A 27 9.09 8.81 -16.27
C VAL A 27 9.43 10.23 -15.83
N SER A 28 9.43 11.15 -16.79
CA SER A 28 9.68 12.56 -16.51
C SER A 28 8.53 13.48 -16.93
N ASN A 29 7.49 12.91 -17.53
CA ASN A 29 6.34 13.70 -18.02
C ASN A 29 5.18 13.85 -17.05
N VAL A 30 5.05 12.91 -16.12
CA VAL A 30 3.98 12.94 -15.13
C VAL A 30 4.71 12.78 -13.81
N VAL A 31 4.89 13.90 -13.11
CA VAL A 31 5.80 13.96 -11.95
C VAL A 31 5.15 14.80 -10.86
N PHE A 32 5.29 14.39 -9.59
CA PHE A 32 4.79 15.20 -8.51
C PHE A 32 5.79 16.30 -8.08
N LYS A 33 7.05 15.94 -7.91
CA LYS A 33 8.09 16.88 -7.46
C LYS A 33 9.37 16.50 -8.19
N GLY A 34 10.22 17.50 -8.48
CA GLY A 34 11.47 17.19 -9.18
C GLY A 34 11.22 16.80 -10.63
N THR A 35 12.03 15.93 -11.19
CA THR A 35 11.96 15.65 -12.63
C THR A 35 11.71 14.18 -12.92
N SER A 36 11.35 13.41 -11.88
CA SER A 36 11.19 11.98 -12.05
C SER A 36 10.04 11.49 -11.21
N ALA A 37 9.33 10.49 -11.72
CA ALA A 37 8.38 9.72 -10.89
C ALA A 37 8.37 8.28 -11.38
N LEU A 38 7.63 7.40 -10.70
CA LEU A 38 7.51 6.01 -11.12
C LEU A 38 6.15 5.77 -11.69
N LYS A 39 6.09 5.04 -12.81
CA LYS A 39 4.82 4.64 -13.41
C LYS A 39 4.67 3.12 -13.26
N MET A 40 3.57 2.68 -12.66
CA MET A 40 3.27 1.26 -12.52
C MET A 40 2.09 0.94 -13.42
N THR A 41 2.19 -0.13 -14.21
CA THR A 41 1.05 -0.59 -15.03
C THR A 41 0.78 -2.07 -14.84
N GLN A 42 -0.48 -2.45 -15.02
CA GLN A 42 -0.86 -3.86 -15.05
C GLN A 42 -1.87 -4.10 -16.18
N THR A 43 -1.84 -5.30 -16.74
CA THR A 43 -2.68 -5.61 -17.91
C THR A 43 -3.39 -6.92 -17.66
N TYR A 44 -4.72 -6.90 -17.74
CA TYR A 44 -5.50 -8.09 -17.50
C TYR A 44 -5.26 -9.04 -18.68
N THR A 45 -5.12 -10.34 -18.40
CA THR A 45 -4.86 -11.35 -19.45
C THR A 45 -5.76 -12.56 -19.16
N PRO A 46 -6.89 -12.66 -19.88
CA PRO A 46 -7.80 -13.79 -19.64
C PRO A 46 -7.03 -15.12 -19.75
N GLY A 47 -7.36 -16.05 -18.87
CA GLY A 47 -6.71 -17.36 -18.87
C GLY A 47 -5.72 -17.54 -17.74
N TYR A 48 -4.96 -16.47 -17.46
CA TYR A 48 -3.89 -16.45 -16.45
C TYR A 48 -4.47 -16.67 -15.06
N THR A 49 -3.84 -17.54 -14.28
CA THR A 49 -4.34 -17.88 -12.96
C THR A 49 -3.50 -17.27 -11.84
N GLY A 50 -2.44 -16.56 -12.21
CA GLY A 50 -1.55 -15.91 -11.23
C GLY A 50 -1.98 -14.50 -10.79
N ARG A 51 -1.04 -13.76 -10.20
CA ARG A 51 -1.37 -12.46 -9.59
C ARG A 51 -0.78 -11.30 -10.38
N TYR A 52 -1.18 -10.08 -10.01
CA TYR A 52 -0.95 -8.92 -10.85
C TYR A 52 -0.32 -7.80 -10.02
N HIS A 53 0.88 -8.03 -9.51
CA HIS A 53 1.62 -7.02 -8.73
C HIS A 53 2.56 -6.25 -9.61
N SER A 54 2.49 -4.93 -9.57
CA SER A 54 3.57 -4.08 -10.12
C SER A 54 3.99 -3.15 -8.98
N GLU A 55 5.05 -3.50 -8.25
CA GLU A 55 5.37 -2.87 -6.97
C GLU A 55 6.88 -2.64 -6.82
N VAL A 56 7.23 -1.70 -5.93
CA VAL A 56 8.60 -1.56 -5.48
C VAL A 56 8.61 -1.75 -3.99
N ASP A 57 9.67 -2.41 -3.48
CA ASP A 57 9.66 -2.87 -2.07
C ASP A 57 10.71 -2.11 -1.29
N HIS A 58 10.32 -1.66 -0.10
CA HIS A 58 11.25 -1.17 0.91
C HIS A 58 11.18 -2.19 2.02
N ASN A 59 12.20 -3.03 2.13
CA ASN A 59 12.12 -4.17 3.08
C ASN A 59 11.88 -3.83 4.54
N ARG A 60 12.46 -2.72 4.98
CA ARG A 60 12.34 -2.33 6.38
C ARG A 60 11.11 -1.45 6.61
N GLY A 61 9.93 -2.04 6.53
CA GLY A 61 8.68 -1.31 6.71
C GLY A 61 8.35 -1.04 8.16
N TYR A 62 8.11 -2.09 8.94
CA TYR A 62 7.97 -1.91 10.38
C TYR A 62 8.23 -3.21 11.11
N GLN A 63 8.37 -3.09 12.42
CA GLN A 63 8.36 -4.20 13.37
C GLN A 63 7.50 -3.76 14.53
N ARG A 64 6.68 -4.65 15.07
CA ARG A 64 5.84 -4.34 16.22
C ARG A 64 6.64 -3.69 17.37
N GLY A 65 6.04 -2.74 18.06
CA GLY A 65 6.70 -2.02 19.15
C GLY A 65 7.36 -0.70 18.77
N GLU A 66 7.02 -0.18 17.59
CA GLU A 66 7.49 1.16 17.19
C GLU A 66 6.37 1.97 16.56
N GLU A 67 6.54 3.29 16.60
CA GLU A 67 5.67 4.21 15.87
C GLU A 67 6.48 4.62 14.66
N GLN A 68 5.81 4.72 13.51
CA GLN A 68 6.46 5.24 12.30
C GLN A 68 5.47 6.11 11.53
N PHE A 69 5.99 7.06 10.73
CA PHE A 69 5.21 7.79 9.75
C PHE A 69 5.61 7.27 8.35
N TYR A 70 4.63 7.23 7.45
CA TYR A 70 4.86 6.85 6.04
C TYR A 70 4.15 7.90 5.18
N GLY A 71 4.77 8.30 4.07
CA GLY A 71 4.16 9.27 3.17
C GLY A 71 4.43 8.82 1.74
N PHE A 72 3.48 9.06 0.84
CA PHE A 72 3.75 8.90 -0.60
C PHE A 72 2.76 9.70 -1.40
N ALA A 73 3.17 10.04 -2.62
CA ALA A 73 2.21 10.63 -3.53
C ALA A 73 1.82 9.59 -4.57
N PHE A 74 0.57 9.61 -5.01
CA PHE A 74 0.12 8.72 -6.09
C PHE A 74 -0.89 9.42 -6.99
N ARG A 75 -1.07 8.87 -8.19
CA ARG A 75 -1.91 9.48 -9.20
C ARG A 75 -2.51 8.37 -10.04
N LEU A 76 -3.84 8.36 -10.17
CA LEU A 76 -4.47 7.46 -11.12
C LEU A 76 -4.45 8.11 -12.50
N SER A 77 -4.45 7.28 -13.54
CA SER A 77 -4.60 7.83 -14.90
C SER A 77 -5.83 8.75 -15.00
N GLU A 78 -5.70 9.79 -15.81
CA GLU A 78 -6.85 10.68 -15.99
C GLU A 78 -8.12 9.93 -16.47
N ASP A 79 -7.93 8.90 -17.30
CA ASP A 79 -9.03 8.12 -17.81
C ASP A 79 -9.32 6.86 -17.00
N TRP A 80 -8.94 6.86 -15.70
CA TRP A 80 -9.20 5.75 -14.80
C TRP A 80 -10.66 5.39 -14.84
N GLN A 81 -10.95 4.11 -14.98
CA GLN A 81 -12.33 3.62 -15.08
C GLN A 81 -12.70 3.10 -13.71
N PHE A 82 -13.46 3.90 -12.96
CA PHE A 82 -13.80 3.52 -11.60
C PHE A 82 -14.72 2.30 -11.64
N GLN A 83 -14.39 1.30 -10.80
CA GLN A 83 -15.07 0.01 -10.71
C GLN A 83 -15.07 -0.45 -9.27
N PRO A 84 -16.08 -1.27 -8.88
CA PRO A 84 -16.24 -1.80 -7.53
C PRO A 84 -15.16 -2.76 -7.05
N GLN A 85 -14.36 -3.30 -7.97
CA GLN A 85 -13.25 -4.19 -7.56
C GLN A 85 -12.18 -3.38 -6.84
N SER A 86 -11.30 -4.07 -6.12
CA SER A 86 -10.13 -3.45 -5.51
C SER A 86 -8.99 -3.34 -6.49
N TYR A 87 -8.36 -2.16 -6.52
CA TYR A 87 -7.01 -1.98 -7.09
C TYR A 87 -6.16 -1.48 -5.93
N ASN A 88 -5.23 -2.31 -5.49
CA ASN A 88 -4.45 -2.02 -4.31
C ASN A 88 -3.31 -1.09 -4.72
N ILE A 89 -3.01 -0.10 -3.89
CA ILE A 89 -1.95 0.86 -4.24
C ILE A 89 -0.72 0.86 -3.29
N ALA A 90 -0.85 0.29 -2.09
CA ALA A 90 0.29 0.15 -1.14
C ALA A 90 -0.02 -0.95 -0.14
N GLN A 91 1.01 -1.57 0.42
CA GLN A 91 0.74 -2.59 1.44
C GLN A 91 1.94 -2.86 2.27
N PHE A 92 1.67 -3.26 3.52
CA PHE A 92 2.69 -3.84 4.40
C PHE A 92 2.51 -5.33 4.40
N ILE A 93 3.62 -6.04 4.29
CA ILE A 93 3.57 -7.48 4.13
C ILE A 93 4.85 -8.15 4.64
N ALA A 94 4.66 -9.23 5.41
CA ALA A 94 5.77 -10.03 5.94
C ALA A 94 5.67 -11.47 5.47
N ASN A 95 6.81 -12.08 5.22
CA ASN A 95 6.89 -13.51 5.07
C ASN A 95 7.20 -14.09 6.43
N ARG A 96 6.33 -15.01 6.87
CA ARG A 96 6.37 -15.54 8.20
C ARG A 96 6.46 -17.08 8.11
N PRO A 97 7.59 -17.61 7.58
CA PRO A 97 7.69 -19.03 7.19
C PRO A 97 7.57 -19.93 8.42
N GLY A 98 6.65 -20.90 8.34
CA GLY A 98 6.31 -21.80 9.45
C GLY A 98 5.13 -21.36 10.29
N ALA A 99 4.48 -20.25 9.94
CA ALA A 99 3.30 -19.79 10.70
C ALA A 99 2.17 -20.81 10.55
N GLY A 100 2.01 -21.31 9.33
CA GLY A 100 1.15 -22.44 9.05
C GLY A 100 -0.33 -22.12 8.90
N CYS A 101 -0.64 -20.82 8.85
CA CYS A 101 -2.00 -20.34 8.59
C CYS A 101 -2.21 -19.95 7.13
N GLY A 102 -3.39 -20.24 6.61
CA GLY A 102 -3.72 -19.96 5.21
C GLY A 102 -2.86 -20.67 4.18
N GLY A 103 -2.98 -20.23 2.92
CA GLY A 103 -2.39 -20.94 1.78
C GLY A 103 -0.90 -20.78 1.56
N ASP A 104 -0.30 -19.74 2.13
CA ASP A 104 1.16 -19.64 2.23
C ASP A 104 1.52 -18.83 3.47
N ASP A 105 2.78 -18.45 3.62
CA ASP A 105 3.17 -17.80 4.87
C ASP A 105 3.35 -16.30 4.75
N TRP A 106 3.06 -15.75 3.58
CA TRP A 106 3.05 -14.30 3.39
C TRP A 106 1.76 -13.77 3.93
N MET A 107 1.84 -12.78 4.82
CA MET A 107 0.64 -12.15 5.35
C MET A 107 0.73 -10.64 5.18
N PRO A 108 -0.12 -10.09 4.30
CA PRO A 108 -0.24 -8.62 4.34
C PRO A 108 -0.95 -8.17 5.59
N SER A 109 -0.50 -7.08 6.18
CA SER A 109 -1.24 -6.49 7.28
C SER A 109 -2.05 -5.30 6.79
N THR A 110 -1.52 -4.10 7.02
CA THR A 110 -2.22 -2.91 6.56
C THR A 110 -2.08 -2.83 5.03
N MET A 111 -3.19 -2.49 4.37
CA MET A 111 -3.22 -2.33 2.91
C MET A 111 -3.97 -1.06 2.59
N ILE A 112 -3.63 -0.46 1.46
CA ILE A 112 -4.31 0.73 1.00
C ILE A 112 -4.77 0.48 -0.41
N TRP A 113 -6.06 0.74 -0.68
CA TRP A 113 -6.59 0.44 -2.01
C TRP A 113 -7.68 1.39 -2.44
N ILE A 114 -7.99 1.34 -3.74
CA ILE A 114 -9.14 2.04 -4.36
C ILE A 114 -10.27 1.05 -4.55
N GLN A 115 -11.49 1.39 -4.12
CA GLN A 115 -12.68 0.59 -4.39
C GLN A 115 -13.72 1.60 -4.86
N ASN A 116 -14.28 1.43 -6.04
CA ASN A 116 -15.06 2.52 -6.66
C ASN A 116 -14.18 3.78 -6.68
N ASN A 117 -14.69 4.93 -6.23
CA ASN A 117 -13.82 6.13 -6.20
C ASN A 117 -13.34 6.48 -4.80
N GLN A 118 -13.23 5.47 -3.95
CA GLN A 118 -12.95 5.71 -2.56
C GLN A 118 -11.64 5.04 -2.13
N LEU A 119 -10.85 5.76 -1.32
CA LEU A 119 -9.68 5.18 -0.63
C LEU A 119 -10.14 4.34 0.55
N TYR A 120 -9.70 3.08 0.57
CA TYR A 120 -9.92 2.18 1.69
C TYR A 120 -8.60 1.83 2.39
N SER A 121 -8.64 1.51 3.67
CA SER A 121 -7.47 0.88 4.30
C SER A 121 -7.93 -0.12 5.31
N ARG A 122 -6.99 -0.76 5.98
CA ARG A 122 -7.32 -1.74 7.01
C ARG A 122 -6.12 -1.94 7.89
N TYR A 123 -6.32 -2.57 9.05
CA TYR A 123 -5.22 -3.13 9.79
C TYR A 123 -5.67 -4.51 10.24
N VAL A 124 -4.70 -5.33 10.64
CA VAL A 124 -4.91 -6.71 11.05
C VAL A 124 -4.37 -6.89 12.46
N ASN A 125 -5.12 -7.61 13.30
CA ASN A 125 -4.60 -7.97 14.61
C ASN A 125 -5.06 -9.39 14.97
N GLY A 126 -4.46 -9.94 16.02
CA GLY A 126 -4.63 -11.34 16.33
C GLY A 126 -3.28 -12.01 16.30
N HIS A 127 -3.28 -13.30 16.01
CA HIS A 127 -2.13 -14.21 16.21
C HIS A 127 -1.70 -14.90 14.89
N TYR A 128 -2.67 -15.34 14.10
CA TYR A 128 -2.38 -15.95 12.79
C TYR A 128 -1.15 -16.85 12.80
N ARG A 129 -1.05 -17.71 13.81
CA ARG A 129 0.06 -18.67 13.86
C ARG A 129 -0.45 -19.93 14.53
N GLN A 130 -0.16 -21.08 13.92
CA GLN A 130 -0.47 -22.39 14.54
C GLN A 130 0.13 -22.48 15.94
N PRO A 131 -0.64 -23.01 16.92
CA PRO A 131 -1.94 -23.70 16.81
C PRO A 131 -3.19 -22.82 16.99
N ASN A 132 -3.09 -21.53 16.65
CA ASN A 132 -4.23 -20.59 16.70
C ASN A 132 -4.16 -19.55 15.58
N CYS A 133 -4.85 -19.82 14.47
CA CYS A 133 -4.84 -18.91 13.30
C CYS A 133 -5.83 -17.77 13.39
N GLY A 134 -6.41 -17.61 14.58
CA GLY A 134 -7.29 -16.49 14.90
C GLY A 134 -6.62 -15.17 14.58
N ARG A 135 -7.23 -14.43 13.66
CA ARG A 135 -6.83 -13.05 13.32
C ARG A 135 -8.08 -12.26 12.92
N ASN A 136 -8.03 -10.95 13.09
CA ASN A 136 -9.14 -10.06 12.81
C ASN A 136 -8.66 -9.00 11.82
N ILE A 137 -9.47 -8.71 10.82
CA ILE A 137 -9.20 -7.67 9.82
C ILE A 137 -10.18 -6.54 10.02
N VAL A 138 -9.68 -5.36 10.38
CA VAL A 138 -10.55 -4.19 10.55
C VAL A 138 -10.43 -3.31 9.29
N THR A 139 -11.50 -3.26 8.49
CA THR A 139 -11.52 -2.46 7.28
C THR A 139 -12.09 -1.09 7.58
N ARG A 140 -11.43 -0.05 7.07
CA ARG A 140 -11.88 1.31 7.22
C ARG A 140 -12.17 1.89 5.85
N PRO A 141 -13.46 1.92 5.46
CA PRO A 141 -13.81 2.29 4.09
C PRO A 141 -13.94 3.79 3.93
N ASN A 142 -13.98 4.23 2.68
CA ASN A 142 -14.42 5.56 2.27
C ASN A 142 -13.66 6.64 3.02
N LEU A 143 -12.34 6.45 3.12
CA LEU A 143 -11.51 7.44 3.81
C LEU A 143 -11.50 8.77 3.09
N ALA A 144 -11.54 8.71 1.77
CA ALA A 144 -11.52 9.90 0.94
C ALA A 144 -11.97 9.52 -0.45
N THR A 145 -12.67 10.47 -1.07
CA THR A 145 -12.97 10.41 -2.49
C THR A 145 -11.69 10.71 -3.29
N VAL A 146 -11.41 9.84 -4.24
CA VAL A 146 -10.20 9.94 -5.01
C VAL A 146 -10.53 10.37 -6.44
N SER A 147 -10.03 11.53 -6.83
CA SER A 147 -10.13 12.00 -8.20
C SER A 147 -9.06 11.42 -9.10
N ALA A 148 -9.45 11.10 -10.33
CA ALA A 148 -8.48 10.62 -11.32
C ALA A 148 -7.66 11.76 -11.92
N GLY A 149 -6.47 11.43 -12.43
CA GLY A 149 -5.64 12.40 -13.15
C GLY A 149 -5.04 13.51 -12.32
N ALA A 150 -5.04 13.34 -10.99
CA ALA A 150 -4.49 14.32 -10.06
C ALA A 150 -3.58 13.64 -9.03
N TRP A 151 -2.46 14.29 -8.69
CA TRP A 151 -1.58 13.77 -7.62
C TRP A 151 -2.26 13.90 -6.26
N HIS A 152 -2.35 12.78 -5.55
CA HIS A 152 -2.83 12.76 -4.17
C HIS A 152 -1.69 12.40 -3.22
N ARG A 153 -1.80 12.83 -1.97
CA ARG A 153 -0.73 12.71 -1.03
C ARG A 153 -1.26 12.06 0.22
N VAL A 154 -0.62 10.97 0.63
CA VAL A 154 -1.10 10.13 1.72
C VAL A 154 -0.03 10.14 2.79
N VAL A 155 -0.46 10.38 4.04
CA VAL A 155 0.43 10.24 5.19
C VAL A 155 -0.24 9.31 6.19
N LEU A 156 0.54 8.35 6.68
CA LEU A 156 0.08 7.45 7.73
C LEU A 156 0.91 7.69 8.98
N GLN A 157 0.26 7.76 10.13
CA GLN A 157 1.02 7.71 11.39
C GLN A 157 0.52 6.49 12.13
N ILE A 158 1.36 5.50 12.33
CA ILE A 158 0.89 4.25 12.89
C ILE A 158 1.81 3.84 14.03
N LYS A 159 1.23 3.56 15.20
CA LYS A 159 1.99 2.87 16.25
C LYS A 159 1.64 1.40 16.16
N TRP A 160 2.64 0.60 15.79
CA TRP A 160 2.46 -0.84 15.53
C TRP A 160 2.50 -1.58 16.87
N ALA A 161 1.33 -2.06 17.29
CA ALA A 161 1.16 -2.77 18.57
C ALA A 161 0.14 -3.90 18.41
N SER A 162 0.35 -5.00 19.15
CA SER A 162 -0.67 -6.07 19.20
C SER A 162 -1.57 -5.97 20.43
N ASP A 163 -1.17 -5.11 21.38
CA ASP A 163 -2.00 -4.55 22.45
C ASP A 163 -3.09 -3.67 21.91
N ASN A 164 -4.06 -3.33 22.76
CA ASN A 164 -4.92 -2.17 22.53
C ASN A 164 -4.20 -0.83 22.84
N THR A 165 -2.89 -0.77 22.59
CA THR A 165 -2.08 0.46 22.77
C THR A 165 -1.58 1.12 21.44
N GLY A 166 -1.95 0.53 20.31
CA GLY A 166 -1.62 1.07 18.99
C GLY A 166 -2.53 2.21 18.59
N TYR A 167 -2.20 2.88 17.49
CA TYR A 167 -3.11 3.83 16.91
C TYR A 167 -2.85 3.88 15.41
N PHE A 168 -3.81 4.47 14.68
CA PHE A 168 -3.87 4.32 13.23
C PHE A 168 -4.50 5.60 12.69
N LYS A 169 -3.65 6.44 12.08
CA LYS A 169 -4.05 7.77 11.67
C LYS A 169 -3.65 7.96 10.21
N ILE A 170 -4.53 8.59 9.42
CA ILE A 170 -4.32 8.78 7.98
C ILE A 170 -4.73 10.19 7.57
N TRP A 171 -3.89 10.83 6.74
CA TRP A 171 -4.15 12.13 6.14
C TRP A 171 -4.22 11.91 4.64
N PHE A 172 -5.11 12.65 3.98
CA PHE A 172 -5.26 12.59 2.51
C PHE A 172 -5.27 14.03 1.99
N ASP A 173 -4.38 14.35 1.08
CA ASP A 173 -4.27 15.71 0.52
C ASP A 173 -4.25 16.81 1.59
N GLY A 174 -3.52 16.54 2.67
CA GLY A 174 -3.22 17.59 3.64
C GLY A 174 -4.22 17.67 4.78
N ALA A 175 -5.26 16.86 4.71
CA ALA A 175 -6.30 16.82 5.74
C ALA A 175 -6.34 15.49 6.48
N LYS A 176 -6.48 15.53 7.82
CA LYS A 176 -6.66 14.32 8.58
C LYS A 176 -8.01 13.76 8.18
N VAL A 177 -8.02 12.51 7.73
CA VAL A 177 -9.27 11.84 7.33
C VAL A 177 -9.62 10.66 8.19
N HIS A 178 -8.68 10.20 9.03
CA HIS A 178 -9.00 9.11 9.91
C HIS A 178 -8.09 9.12 11.09
N GLU A 179 -8.64 8.90 12.29
CA GLU A 179 -7.76 8.61 13.41
C GLU A 179 -8.50 7.76 14.40
N GLU A 180 -7.80 6.78 14.93
CA GLU A 180 -8.33 5.98 16.00
C GLU A 180 -7.20 5.56 16.92
N TYR A 181 -7.53 5.44 18.21
CA TYR A 181 -6.54 5.20 19.27
C TYR A 181 -6.81 3.93 20.07
N ASN A 182 -5.82 3.51 20.84
CA ASN A 182 -6.00 2.35 21.72
C ASN A 182 -6.58 1.16 20.96
N VAL A 183 -5.94 0.82 19.85
CA VAL A 183 -6.30 -0.33 19.03
C VAL A 183 -5.06 -1.16 18.76
N ALA A 184 -5.27 -2.45 18.53
CA ALA A 184 -4.19 -3.34 18.10
C ALA A 184 -4.05 -3.24 16.57
N THR A 185 -2.88 -2.83 16.11
CA THR A 185 -2.65 -2.57 14.67
C THR A 185 -1.80 -3.60 13.90
N THR A 186 -1.26 -4.61 14.58
CA THR A 186 -0.50 -5.69 13.95
C THR A 186 -0.68 -6.98 14.77
N VAL A 187 -0.23 -8.10 14.19
CA VAL A 187 -0.28 -9.40 14.87
C VAL A 187 0.76 -9.46 16.00
N ASP A 188 0.53 -10.36 16.96
CA ASP A 188 1.38 -10.43 18.14
C ASP A 188 2.70 -11.21 17.95
N ASP A 189 3.49 -10.83 16.95
CA ASP A 189 4.88 -11.31 16.82
C ASP A 189 5.88 -10.19 16.39
N ASP A 190 7.12 -10.56 16.09
CA ASP A 190 8.19 -9.57 15.80
C ASP A 190 8.73 -9.70 14.36
N SER A 191 7.89 -10.18 13.44
CA SER A 191 8.25 -10.21 12.02
C SER A 191 8.54 -8.77 11.56
N VAL A 192 9.44 -8.62 10.60
CA VAL A 192 9.68 -7.33 9.96
C VAL A 192 8.85 -7.31 8.67
N PHE A 193 7.91 -6.37 8.60
CA PHE A 193 7.01 -6.23 7.43
C PHE A 193 7.63 -5.28 6.44
N GLN A 194 7.58 -5.64 5.16
CA GLN A 194 8.02 -4.77 4.08
C GLN A 194 6.98 -3.67 3.89
N PHE A 195 7.41 -2.53 3.36
CA PHE A 195 6.48 -1.49 2.95
C PHE A 195 6.59 -1.47 1.43
N ARG A 196 5.50 -1.78 0.75
CA ARG A 196 5.49 -1.77 -0.70
C ARG A 196 4.56 -0.69 -1.22
N VAL A 197 5.00 -0.02 -2.29
CA VAL A 197 4.04 0.83 -3.03
C VAL A 197 3.92 0.34 -4.47
N GLY A 198 2.72 0.38 -5.01
CA GLY A 198 2.55 -0.04 -6.39
C GLY A 198 1.17 -0.59 -6.68
N LEU A 199 0.91 -0.76 -7.97
CA LEU A 199 -0.40 -1.21 -8.44
C LEU A 199 -0.45 -2.72 -8.31
N TYR A 200 -1.36 -3.19 -7.46
CA TYR A 200 -1.60 -4.61 -7.26
C TYR A 200 -3.06 -4.91 -7.52
N ALA A 201 -3.33 -5.47 -8.69
CA ALA A 201 -4.71 -5.61 -9.13
C ALA A 201 -5.24 -6.89 -8.56
N ASN A 202 -5.54 -6.87 -7.27
CA ASN A 202 -5.81 -8.11 -6.54
C ASN A 202 -7.16 -8.77 -6.84
N SER A 203 -8.17 -7.94 -7.08
CA SER A 203 -9.51 -8.46 -7.38
C SER A 203 -9.57 -9.24 -8.70
N TRP A 204 -8.69 -8.90 -9.64
CA TRP A 204 -8.62 -9.61 -10.92
C TRP A 204 -8.37 -11.10 -10.64
N HIS A 205 -7.42 -11.40 -9.77
CA HIS A 205 -7.15 -12.79 -9.40
C HIS A 205 -8.19 -13.32 -8.41
N ASP A 206 -8.40 -12.62 -7.30
CA ASP A 206 -9.28 -13.08 -6.24
C ASP A 206 -10.69 -13.38 -6.75
N ASP A 207 -11.16 -12.61 -7.73
CA ASP A 207 -12.57 -12.71 -8.15
C ASP A 207 -12.77 -13.67 -9.32
N GLY A 208 -11.68 -13.97 -10.02
CA GLY A 208 -11.73 -14.83 -11.19
C GLY A 208 -12.09 -14.14 -12.48
N HIS A 209 -12.24 -12.80 -12.44
CA HIS A 209 -12.61 -12.03 -13.62
C HIS A 209 -12.35 -10.56 -13.33
N MET A 210 -12.39 -9.77 -14.41
CA MET A 210 -12.28 -8.34 -14.34
C MET A 210 -13.62 -7.68 -14.63
N THR A 211 -14.02 -6.73 -13.78
CA THR A 211 -15.22 -5.92 -13.97
C THR A 211 -14.88 -4.71 -14.83
N GLY A 212 -15.67 -4.44 -15.86
CA GLY A 212 -15.43 -3.31 -16.73
C GLY A 212 -14.53 -3.60 -17.91
N THR A 213 -14.04 -2.54 -18.55
CA THR A 213 -13.37 -2.68 -19.84
C THR A 213 -11.96 -2.07 -19.86
N GLN A 214 -11.45 -1.65 -18.71
CA GLN A 214 -10.12 -1.06 -18.70
C GLN A 214 -9.12 -2.11 -18.15
N GLY A 215 -8.69 -3.00 -19.03
CA GLY A 215 -7.75 -4.06 -18.66
C GLY A 215 -6.31 -3.58 -18.58
N PHE A 216 -6.06 -2.35 -19.03
CA PHE A 216 -4.75 -1.75 -18.89
C PHE A 216 -4.84 -0.61 -17.88
N ARG A 217 -4.22 -0.81 -16.74
CA ARG A 217 -4.38 0.10 -15.60
C ARG A 217 -3.05 0.78 -15.30
N GLN A 218 -3.09 2.09 -15.01
CA GLN A 218 -1.86 2.86 -14.76
C GLN A 218 -1.97 3.74 -13.51
N VAL A 219 -0.93 3.68 -12.67
CA VAL A 219 -0.86 4.49 -11.44
C VAL A 219 0.59 4.99 -11.34
N TRP A 220 0.77 6.27 -11.02
CA TRP A 220 2.10 6.88 -10.84
C TRP A 220 2.36 7.08 -9.35
N TYR A 221 3.64 7.09 -8.95
CA TYR A 221 4.04 7.29 -7.58
C TYR A 221 5.22 8.23 -7.52
N ASP A 222 5.36 8.90 -6.39
CA ASP A 222 6.51 9.78 -6.18
C ASP A 222 6.66 10.08 -4.70
N GLU A 223 7.82 10.63 -4.32
CA GLU A 223 8.00 11.24 -3.05
C GLU A 223 7.58 10.30 -1.88
N VAL A 224 8.22 9.15 -1.80
CA VAL A 224 7.92 8.16 -0.76
C VAL A 224 8.93 8.31 0.36
N ALA A 225 8.46 8.21 1.61
CA ALA A 225 9.34 8.41 2.77
C ALA A 225 8.83 7.62 3.97
N VAL A 226 9.79 7.21 4.83
CA VAL A 226 9.48 6.62 6.12
C VAL A 226 10.30 7.40 7.13
N GLY A 227 9.69 7.76 8.25
CA GLY A 227 10.39 8.58 9.24
C GLY A 227 9.65 8.64 10.55
N THR A 228 10.08 9.56 11.40
CA THR A 228 9.59 9.61 12.78
C THR A 228 8.70 10.80 13.08
N THR A 229 8.55 11.70 12.11
CA THR A 229 7.63 12.84 12.25
C THR A 229 6.77 12.97 11.00
N PHE A 230 5.67 13.73 11.10
CA PHE A 230 4.86 14.05 9.92
C PHE A 230 5.67 14.78 8.85
N ALA A 231 6.39 15.84 9.26
CA ALA A 231 7.16 16.63 8.29
C ALA A 231 8.21 15.77 7.56
N ASP A 232 8.74 14.74 8.23
CA ASP A 232 9.73 13.87 7.56
C ASP A 232 9.14 13.23 6.30
N VAL A 233 7.84 12.89 6.35
CA VAL A 233 7.24 12.09 5.27
C VAL A 233 6.18 12.78 4.42
N ASP A 234 5.74 13.96 4.85
CA ASP A 234 4.69 14.68 4.14
C ASP A 234 5.15 15.10 2.73
N PRO A 235 4.55 14.52 1.68
CA PRO A 235 5.04 14.93 0.34
C PRO A 235 4.90 16.42 0.03
N ASP A 236 4.05 17.10 0.78
CA ASP A 236 3.69 18.51 0.54
C ASP A 236 4.60 19.53 1.22
N GLN A 237 5.67 19.05 1.83
CA GLN A 237 6.65 20.00 2.36
C GLN A 237 8.03 19.38 2.22
N ALA A 238 9.06 20.16 2.54
CA ALA A 238 10.43 19.65 2.42
C ALA A 238 10.69 18.53 3.45
#